data_7Z0U
#
_entry.id   7Z0U
#
_cell.length_a   112.788
_cell.length_b   112.788
_cell.length_c   101.664
_cell.angle_alpha   90.000
_cell.angle_beta   90.000
_cell.angle_gamma   90.000
#
_symmetry.space_group_name_H-M   'I 41 2 2'
#
loop_
_entity.id
_entity.type
_entity.pdbx_description
1 polymer 'WRKY transcription factor 18'
2 polymer "DNA (5'-D(*CP*GP*CP*CP*TP*TP*GP*AP*CP*CP*AP*GP*CP*GP*C)-3')"
3 polymer "DNA (5'-D(*GP*CP*GP*CP*TP*GP*GP*TP*CP*AP*AP*GP*GP*CP*G)-3')"
4 non-polymer 'ZINC ION'
5 water water
#
loop_
_entity_poly.entity_id
_entity_poly.type
_entity_poly.pdbx_seq_one_letter_code
_entity_poly.pdbx_strand_id
1 'polypeptide(L)'
;SNVSTVYVPTETSDTSLTVKDGFQWRKYGQKVTRDNPSPRAYFRCSFAPSCPVKKKVQRSAEDPSLLVATYEGTHNHLGP
NA
;
A
2 'polydeoxyribonucleotide' (DC)(DG)(DC)(DC)(DT)(DT)(DG)(DA)(DC)(DC)(DA)(DG)(DC)(DG)(DC) B
3 'polydeoxyribonucleotide' (DG)(DC)(DG)(DC)(DT)(DG)(DG)(DT)(DC)(DA)(DA)(DG)(DG)(DC)(DG) C
#
loop_
_chem_comp.id
_chem_comp.type
_chem_comp.name
_chem_comp.formula
DA DNA linking 2'-DEOXYADENOSINE-5'-MONOPHOSPHATE 'C10 H14 N5 O6 P'
DC DNA linking 2'-DEOXYCYTIDINE-5'-MONOPHOSPHATE 'C9 H14 N3 O7 P'
DG DNA linking 2'-DEOXYGUANOSINE-5'-MONOPHOSPHATE 'C10 H14 N5 O7 P'
DT DNA linking THYMIDINE-5'-MONOPHOSPHATE 'C10 H15 N2 O8 P'
ZN non-polymer 'ZINC ION' 'Zn 2'
#
# COMPACT_ATOMS: atom_id res chain seq x y z
N ASN A 2 -8.60 8.12 -10.78
CA ASN A 2 -7.62 7.20 -11.35
C ASN A 2 -6.81 6.52 -10.24
N VAL A 3 -5.94 7.30 -9.59
CA VAL A 3 -5.05 6.82 -8.54
C VAL A 3 -5.62 7.21 -7.19
N SER A 4 -6.31 6.27 -6.54
CA SER A 4 -7.04 6.52 -5.30
C SER A 4 -6.16 6.34 -4.06
N THR A 5 -6.72 6.74 -2.91
CA THR A 5 -6.03 6.72 -1.63
C THR A 5 -6.96 6.19 -0.56
N VAL A 6 -6.41 5.49 0.43
CA VAL A 6 -7.21 4.77 1.41
C VAL A 6 -6.50 4.80 2.75
N TYR A 7 -7.19 5.28 3.79
CA TYR A 7 -6.68 5.35 5.16
C TYR A 7 -7.36 4.29 6.01
N VAL A 8 -6.55 3.44 6.64
CA VAL A 8 -7.03 2.23 7.32
C VAL A 8 -6.56 2.25 8.78
N PRO A 9 -7.47 2.33 9.76
CA PRO A 9 -7.04 2.17 11.16
C PRO A 9 -6.37 0.82 11.37
N THR A 10 -5.18 0.86 11.95
CA THR A 10 -4.39 -0.32 12.27
C THR A 10 -3.72 -0.08 13.61
N GLU A 11 -3.70 -1.10 14.46
CA GLU A 11 -2.97 -0.99 15.72
C GLU A 11 -1.51 -0.68 15.44
N THR A 12 -0.91 0.16 16.29
CA THR A 12 0.46 0.59 16.06
C THR A 12 1.48 -0.53 16.23
N SER A 13 1.08 -1.68 16.78
CA SER A 13 1.98 -2.83 16.89
C SER A 13 2.10 -3.63 15.60
N ASP A 14 1.11 -3.54 14.70
CA ASP A 14 1.19 -4.17 13.38
C ASP A 14 2.07 -3.29 12.51
N THR A 15 3.37 -3.61 12.49
CA THR A 15 4.37 -2.90 11.71
C THR A 15 4.63 -3.56 10.35
N SER A 16 3.75 -4.47 9.92
CA SER A 16 3.91 -5.18 8.66
C SER A 16 3.59 -4.35 7.43
N LEU A 17 2.76 -3.31 7.58
CA LEU A 17 2.29 -2.52 6.44
C LEU A 17 1.50 -3.39 5.48
N THR A 18 0.74 -4.33 6.03
CA THR A 18 -0.15 -5.18 5.26
C THR A 18 -1.54 -4.56 5.25
N VAL A 19 -2.09 -4.35 4.06
CA VAL A 19 -3.48 -3.89 3.90
C VAL A 19 -4.21 -4.89 3.04
N LYS A 20 -5.13 -5.66 3.65
CA LYS A 20 -6.00 -6.56 2.90
C LYS A 20 -7.00 -5.75 2.09
N ASP A 21 -7.08 -6.02 0.78
CA ASP A 21 -7.97 -5.20 -0.05
C ASP A 21 -8.61 -5.97 -1.20
N GLY A 22 -8.76 -7.29 -1.09
CA GLY A 22 -9.39 -8.06 -2.13
C GLY A 22 -8.46 -8.52 -3.23
N PHE A 23 -7.19 -8.16 -3.15
CA PHE A 23 -6.20 -8.56 -4.13
C PHE A 23 -4.97 -9.08 -3.40
N GLN A 24 -4.15 -9.82 -4.12
CA GLN A 24 -2.87 -10.27 -3.62
C GLN A 24 -1.77 -9.49 -4.33
N TRP A 25 -0.63 -9.35 -3.66
CA TRP A 25 0.40 -8.42 -4.09
C TRP A 25 1.77 -9.05 -3.93
N ARG A 26 2.72 -8.56 -4.73
CA ARG A 26 4.13 -8.91 -4.63
C ARG A 26 4.88 -7.67 -4.19
N LYS A 27 5.68 -7.80 -3.13
CA LYS A 27 6.43 -6.67 -2.60
C LYS A 27 7.72 -6.50 -3.39
N TYR A 28 8.00 -5.26 -3.82
CA TYR A 28 9.21 -5.02 -4.61
C TYR A 28 10.08 -3.89 -4.06
N GLY A 29 9.98 -3.58 -2.78
CA GLY A 29 10.83 -2.59 -2.16
C GLY A 29 10.17 -1.99 -0.92
N GLN A 30 10.99 -1.29 -0.13
CA GLN A 30 10.52 -0.60 1.06
C GLN A 30 11.56 0.45 1.48
N LYS A 31 11.14 1.70 1.62
CA LYS A 31 12.05 2.81 1.82
C LYS A 31 11.46 3.84 2.80
N VAL A 32 12.34 4.52 3.54
CA VAL A 32 11.98 5.66 4.36
C VAL A 32 12.13 6.93 3.53
N THR A 33 11.16 7.81 3.67
CA THR A 33 11.08 9.05 2.91
C THR A 33 11.27 10.24 3.85
N ARG A 34 11.82 11.32 3.30
CA ARG A 34 12.28 12.45 4.09
C ARG A 34 11.18 13.19 4.85
N ASP A 35 9.92 12.75 4.77
CA ASP A 35 8.86 13.43 5.50
C ASP A 35 8.09 12.53 6.46
N ASN A 36 8.36 11.24 6.46
CA ASN A 36 7.71 10.26 7.32
C ASN A 36 8.81 9.31 7.76
N PRO A 37 9.10 9.23 9.06
CA PRO A 37 10.19 8.37 9.53
C PRO A 37 9.85 6.89 9.55
N SER A 38 8.58 6.50 9.15
CA SER A 38 8.12 5.15 8.95
C SER A 38 8.40 4.71 7.53
N PRO A 39 8.61 3.41 7.33
CA PRO A 39 8.86 2.91 5.99
C PRO A 39 7.63 2.96 5.11
N ARG A 40 7.88 3.03 3.80
CA ARG A 40 6.88 2.91 2.76
C ARG A 40 7.12 1.62 1.99
N ALA A 41 6.11 0.78 1.89
CA ALA A 41 6.21 -0.48 1.16
C ALA A 41 5.67 -0.32 -0.25
N TYR A 42 6.37 -0.90 -1.22
CA TYR A 42 5.99 -0.85 -2.62
C TYR A 42 5.55 -2.24 -3.09
N PHE A 43 4.35 -2.32 -3.65
CA PHE A 43 3.78 -3.58 -4.11
C PHE A 43 3.34 -3.45 -5.56
N ARG A 44 3.18 -4.59 -6.21
CA ARG A 44 2.46 -4.67 -7.47
C ARG A 44 1.44 -5.79 -7.39
N CYS A 45 0.46 -5.75 -8.29
CA CYS A 45 -0.63 -6.69 -8.25
C CYS A 45 -0.15 -8.11 -8.48
N SER A 46 -0.87 -9.07 -7.91
CA SER A 46 -0.61 -10.49 -8.16
C SER A 46 -0.77 -10.84 -9.63
N PHE A 47 -1.51 -10.05 -10.39
CA PHE A 47 -1.73 -10.27 -11.81
C PHE A 47 -0.76 -9.48 -12.67
N ALA A 48 0.32 -8.98 -12.10
CA ALA A 48 1.33 -8.31 -12.90
C ALA A 48 1.98 -9.32 -13.85
N PRO A 49 2.33 -8.92 -15.08
CA PRO A 49 2.21 -7.58 -15.65
C PRO A 49 0.96 -7.36 -16.49
N SER A 50 0.16 -8.42 -16.69
CA SER A 50 -1.15 -8.25 -17.34
C SER A 50 -1.95 -7.14 -16.67
N CYS A 51 -1.77 -6.95 -15.36
CA CYS A 51 -2.34 -5.90 -14.56
C CYS A 51 -1.26 -4.86 -14.23
N PRO A 52 -1.58 -3.58 -14.39
CA PRO A 52 -0.59 -2.52 -14.13
C PRO A 52 -0.66 -1.88 -12.75
N VAL A 53 -1.52 -2.37 -11.85
CA VAL A 53 -1.80 -1.66 -10.61
C VAL A 53 -0.58 -1.70 -9.69
N LYS A 54 -0.17 -0.53 -9.21
CA LYS A 54 0.92 -0.34 -8.26
C LYS A 54 0.36 0.08 -6.91
N LYS A 55 1.12 -0.17 -5.86
CA LYS A 55 0.62 0.00 -4.50
C LYS A 55 1.72 0.51 -3.57
N LYS A 56 1.35 1.44 -2.70
CA LYS A 56 2.23 1.98 -1.66
C LYS A 56 1.46 1.94 -0.35
N VAL A 57 2.08 1.40 0.70
CA VAL A 57 1.48 1.47 2.02
C VAL A 57 2.50 2.09 2.96
N GLN A 58 2.04 3.04 3.79
CA GLN A 58 2.88 3.76 4.73
C GLN A 58 1.98 4.31 5.83
N ARG A 59 2.53 4.42 7.02
CA ARG A 59 1.77 4.90 8.16
C ARG A 59 1.67 6.42 8.11
N SER A 60 0.46 6.94 8.32
CA SER A 60 0.23 8.38 8.22
C SER A 60 1.05 9.15 9.24
N ALA A 61 1.76 10.18 8.78
CA ALA A 61 2.49 11.03 9.69
C ALA A 61 1.56 11.92 10.50
N GLU A 62 0.37 12.22 9.97
CA GLU A 62 -0.60 13.05 10.67
C GLU A 62 -1.36 12.25 11.71
N ASP A 63 -1.76 11.02 11.38
CA ASP A 63 -2.45 10.13 12.32
C ASP A 63 -1.69 8.81 12.33
N PRO A 64 -0.76 8.64 13.25
CA PRO A 64 -0.04 7.36 13.37
C PRO A 64 -0.95 6.13 13.51
N SER A 65 -2.24 6.35 13.74
CA SER A 65 -3.18 5.25 13.92
C SER A 65 -3.75 4.78 12.59
N LEU A 66 -3.33 5.40 11.49
CA LEU A 66 -3.80 5.06 10.15
C LEU A 66 -2.61 4.63 9.29
N LEU A 67 -2.81 3.58 8.51
CA LEU A 67 -1.98 3.32 7.36
C LEU A 67 -2.56 4.05 6.15
N VAL A 68 -1.68 4.49 5.26
CA VAL A 68 -2.10 5.11 4.00
C VAL A 68 -1.73 4.17 2.85
N ALA A 69 -2.74 3.77 2.08
CA ALA A 69 -2.55 2.92 0.92
C ALA A 69 -2.89 3.72 -0.34
N THR A 70 -1.99 3.68 -1.32
CA THR A 70 -2.09 4.48 -2.51
C THR A 70 -1.92 3.57 -3.72
N TYR A 71 -2.81 3.72 -4.70
CA TYR A 71 -2.91 2.82 -5.83
C TYR A 71 -2.76 3.60 -7.13
N GLU A 72 -2.37 2.90 -8.20
CA GLU A 72 -2.17 3.54 -9.50
C GLU A 72 -2.64 2.61 -10.61
N GLY A 73 -3.63 3.04 -11.36
CA GLY A 73 -4.21 2.23 -12.40
C GLY A 73 -5.40 1.47 -11.90
N THR A 74 -5.93 0.61 -12.77
CA THR A 74 -7.06 -0.23 -12.43
C THR A 74 -6.80 -1.63 -12.94
N HIS A 75 -7.43 -2.61 -12.30
CA HIS A 75 -7.22 -4.00 -12.63
C HIS A 75 -7.95 -4.37 -13.91
N ASN A 76 -7.82 -5.64 -14.32
CA ASN A 76 -8.54 -6.19 -15.45
C ASN A 76 -9.13 -7.56 -15.10
N HIS A 77 -9.45 -7.76 -13.83
CA HIS A 77 -9.85 -9.06 -13.33
C HIS A 77 -10.79 -8.85 -12.14
N LEU A 78 -10.88 -9.86 -11.27
CA LEU A 78 -11.78 -9.81 -10.12
C LEU A 78 -11.13 -10.49 -8.91
N GLY A 79 -10.47 -11.61 -9.16
CA GLY A 79 -9.89 -12.43 -8.10
C GLY A 79 -8.91 -11.72 -7.20
ZN ZN D . -4.53 -6.52 -10.74
#